data_9LK7
#
_entry.id   9LK7
#
_cell.length_a   1.00
_cell.length_b   1.00
_cell.length_c   1.00
_cell.angle_alpha   90.00
_cell.angle_beta   90.00
_cell.angle_gamma   90.00
#
_symmetry.space_group_name_H-M   'P 1'
#
_entity_poly.entity_id   1
_entity_poly.type   'polypeptide(L)'
_entity_poly.pdbx_seq_one_letter_code
;MTAEKALPLGNGKAAEEARESEAPGGGSSSGGAAPARHPRVKRDKAVHERGHWNNKVEFVLSVAGEIIGLGNVWRFPYLC
YKNGGGAFLIPYVVFFICCGIPVFFLETALGQFTSEGGITCWRKVCPLFEGIGYATQVIEAHLNVYYIIILAWAIFYLSN
CFTTELPWATCGHEWNTENCVEFQKLNVSNYSHVSLQNATSPVMEFWEHRVLAISDGIEHIGNLRWELALCLLAAWTICY
FCIWKGTKSTGKVVYVTATFPYIMLLILLIRGVTLPGASEGIKFYLYPDLSRLSDPQVWVDAGTQIFFSYAICLGCLTAL
GSYNNYNNNCYRDCIMLCCLNSGTSFVAGFAIFSVLGFMAYEQGVPIAEVAESGPGLAFIAYPKAVTMMPLSPLWATLFF
MMLIFLGLDSQFVCVESLVTAVVDMYPKVFRRGYRRELLILALSVISYFLGLVMLTEGGMYIFQLFDSYAASGMCLLFVA
IFECICIGWVYGSNRFYDNIEDMIGYRPPSLIKWCWMIMTPGICAGIFIFFLIKYKPLKYNNIYTYPAWGYGIGWLMALS
SMLCIPLWICITVWKTEGTLPEKLQKLTTPSTDLKMRGKLGVSPRMVTVNDSDAKLKSDGTIAAITEKETHF
;
_entity_poly.pdbx_strand_id   A
#
# COMPACT_ATOMS: atom_id res chain seq x y z
N LEU A 61 12.81 -22.16 -12.90
CA LEU A 61 13.41 -21.03 -12.20
C LEU A 61 13.05 -21.07 -10.71
N SER A 62 11.87 -20.56 -10.39
CA SER A 62 11.35 -20.54 -9.02
C SER A 62 12.32 -19.84 -8.06
N VAL A 63 12.94 -18.75 -8.54
CA VAL A 63 13.84 -17.98 -7.70
C VAL A 63 13.03 -17.18 -6.68
N ALA A 64 13.58 -17.02 -5.48
CA ALA A 64 12.86 -16.31 -4.43
C ALA A 64 12.70 -14.84 -4.76
N GLY A 65 13.80 -14.17 -5.13
CA GLY A 65 13.73 -12.74 -5.39
C GLY A 65 13.28 -11.99 -4.16
N GLU A 66 12.31 -11.08 -4.36
CA GLU A 66 11.70 -10.38 -3.23
C GLU A 66 10.24 -10.12 -3.60
N ILE A 67 9.34 -10.86 -2.97
CA ILE A 67 7.91 -10.75 -3.23
C ILE A 67 7.15 -10.27 -2.00
N ILE A 68 7.63 -10.56 -0.79
CA ILE A 68 6.91 -10.24 0.43
C ILE A 68 6.58 -8.76 0.53
N GLY A 69 7.55 -7.91 0.20
CA GLY A 69 7.33 -6.48 0.29
C GLY A 69 6.95 -6.06 1.69
N LEU A 70 5.98 -5.15 1.79
CA LEU A 70 5.44 -4.74 3.08
C LEU A 70 3.92 -4.69 3.13
N GLY A 71 3.24 -4.60 1.99
CA GLY A 71 1.79 -4.60 2.00
C GLY A 71 1.20 -5.93 2.45
N ASN A 72 1.85 -7.04 2.10
CA ASN A 72 1.36 -8.34 2.49
C ASN A 72 1.39 -8.53 4.01
N VAL A 73 2.50 -8.15 4.64
CA VAL A 73 2.64 -8.34 6.08
C VAL A 73 1.74 -7.39 6.85
N TRP A 74 1.63 -6.15 6.39
CA TRP A 74 0.99 -5.08 7.16
C TRP A 74 -0.32 -4.59 6.56
N ARG A 75 -0.33 -4.23 5.28
CA ARG A 75 -1.48 -3.55 4.72
C ARG A 75 -2.67 -4.49 4.56
N PHE A 76 -2.45 -5.68 4.00
CA PHE A 76 -3.58 -6.57 3.72
C PHE A 76 -4.32 -7.04 4.97
N PRO A 77 -3.66 -7.56 6.01
CA PRO A 77 -4.42 -7.96 7.22
C PRO A 77 -5.15 -6.81 7.87
N TYR A 78 -4.59 -5.60 7.82
CA TYR A 78 -5.27 -4.44 8.38
C TYR A 78 -6.56 -4.13 7.63
N LEU A 79 -6.53 -4.22 6.30
CA LEU A 79 -7.72 -3.92 5.52
C LEU A 79 -8.76 -5.03 5.62
N CYS A 80 -8.32 -6.29 5.62
CA CYS A 80 -9.26 -7.40 5.68
C CYS A 80 -10.02 -7.42 7.01
N TYR A 81 -9.34 -7.11 8.12
CA TYR A 81 -9.99 -7.14 9.42
C TYR A 81 -11.07 -6.07 9.53
N LYS A 82 -10.81 -4.89 9.01
CA LYS A 82 -11.74 -3.77 9.16
C LYS A 82 -13.01 -3.93 8.33
N ASN A 83 -12.95 -4.64 7.21
CA ASN A 83 -14.07 -4.75 6.29
C ASN A 83 -14.97 -5.96 6.57
N GLY A 84 -14.70 -6.71 7.63
CA GLY A 84 -15.52 -7.85 8.00
C GLY A 84 -14.92 -9.20 7.69
N GLY A 85 -13.74 -9.26 7.08
CA GLY A 85 -13.08 -10.53 6.84
C GLY A 85 -13.43 -11.19 5.53
N GLY A 86 -14.36 -12.15 5.57
CA GLY A 86 -14.69 -12.90 4.38
C GLY A 86 -15.27 -12.06 3.26
N ALA A 87 -16.05 -11.04 3.63
CA ALA A 87 -16.65 -10.15 2.63
C ALA A 87 -15.60 -9.35 1.86
N PHE A 88 -14.38 -9.25 2.39
CA PHE A 88 -13.29 -8.60 1.67
C PHE A 88 -12.73 -9.47 0.54
N LEU A 89 -12.96 -10.78 0.59
CA LEU A 89 -12.34 -11.66 -0.39
C LEU A 89 -13.02 -11.57 -1.75
N ILE A 90 -14.35 -11.43 -1.77
CA ILE A 90 -15.06 -11.39 -3.05
C ILE A 90 -14.63 -10.20 -3.89
N PRO A 91 -14.41 -8.98 -3.38
CA PRO A 91 -13.85 -7.96 -4.23
C PRO A 91 -12.46 -8.38 -4.66
N TYR A 92 -11.70 -9.00 -3.77
CA TYR A 92 -10.30 -9.30 -4.07
C TYR A 92 -10.19 -10.17 -5.32
N VAL A 93 -10.97 -11.25 -5.39
CA VAL A 93 -10.91 -12.13 -6.55
C VAL A 93 -11.51 -11.45 -7.77
N VAL A 94 -12.60 -10.71 -7.59
CA VAL A 94 -13.25 -10.01 -8.71
C VAL A 94 -12.30 -8.99 -9.31
N PHE A 95 -11.58 -8.25 -8.47
CA PHE A 95 -10.63 -7.23 -8.91
C PHE A 95 -9.27 -7.81 -9.22
N PHE A 96 -9.19 -9.11 -9.52
CA PHE A 96 -7.92 -9.78 -9.78
C PHE A 96 -7.94 -10.57 -11.09
N ILE A 97 -9.10 -11.05 -11.54
CA ILE A 97 -9.11 -12.02 -12.64
C ILE A 97 -8.57 -11.40 -13.93
N CYS A 98 -9.03 -10.19 -14.29
CA CYS A 98 -8.32 -9.44 -15.32
C CYS A 98 -8.31 -7.94 -15.06
N CYS A 99 -8.62 -7.49 -13.85
CA CYS A 99 -8.49 -6.07 -13.52
C CYS A 99 -7.13 -5.72 -12.95
N GLY A 100 -6.31 -6.71 -12.57
CA GLY A 100 -5.00 -6.43 -12.03
C GLY A 100 -3.85 -7.05 -12.82
N ILE A 101 -4.10 -8.17 -13.47
CA ILE A 101 -3.05 -8.88 -14.20
C ILE A 101 -2.81 -8.24 -15.58
N PRO A 102 -3.83 -8.06 -16.43
CA PRO A 102 -3.57 -7.43 -17.73
C PRO A 102 -3.02 -6.01 -17.63
N VAL A 103 -3.40 -5.26 -16.62
CA VAL A 103 -2.84 -3.92 -16.44
C VAL A 103 -1.36 -4.00 -16.10
N PHE A 104 -0.98 -4.93 -15.22
CA PHE A 104 0.42 -5.17 -14.93
C PHE A 104 1.19 -5.55 -16.19
N PHE A 105 0.61 -6.45 -16.98
CA PHE A 105 1.24 -6.86 -18.24
C PHE A 105 1.36 -5.69 -19.20
N LEU A 106 0.35 -4.84 -19.26
CA LEU A 106 0.39 -3.68 -20.15
C LEU A 106 1.52 -2.74 -19.77
N GLU A 107 1.64 -2.43 -18.48
CA GLU A 107 2.69 -1.49 -18.07
C GLU A 107 4.08 -2.12 -18.28
N THR A 108 4.22 -3.40 -17.97
CA THR A 108 5.51 -4.07 -18.20
C THR A 108 5.87 -4.08 -19.67
N ALA A 109 4.89 -4.35 -20.54
CA ALA A 109 5.14 -4.40 -21.97
C ALA A 109 5.48 -3.02 -22.53
N LEU A 110 4.78 -1.98 -22.07
CA LEU A 110 5.09 -0.63 -22.54
C LEU A 110 6.45 -0.18 -22.06
N GLY A 111 6.84 -0.56 -20.84
CA GLY A 111 8.20 -0.27 -20.38
C GLY A 111 9.25 -1.02 -21.16
N GLN A 112 8.95 -2.26 -21.56
CA GLN A 112 9.92 -3.04 -22.32
C GLN A 112 10.06 -2.50 -23.74
N PHE A 113 8.95 -2.15 -24.39
CA PHE A 113 9.00 -1.77 -25.79
C PHE A 113 9.74 -0.45 -25.99
N THR A 114 9.38 0.58 -25.23
CA THR A 114 10.02 1.88 -25.39
C THR A 114 11.35 1.97 -24.67
N SER A 115 11.65 1.04 -23.77
CA SER A 115 12.89 1.00 -23.01
C SER A 115 13.11 2.27 -22.18
N GLU A 116 12.03 2.99 -21.86
CA GLU A 116 12.12 4.22 -21.09
C GLU A 116 11.04 4.22 -20.02
N GLY A 117 11.39 4.72 -18.84
CA GLY A 117 10.46 4.76 -17.73
C GLY A 117 10.28 6.19 -17.22
N GLY A 118 9.07 6.48 -16.75
CA GLY A 118 8.76 7.79 -16.27
C GLY A 118 7.69 8.48 -17.10
N ILE A 119 7.99 9.68 -17.60
CA ILE A 119 7.05 10.42 -18.42
C ILE A 119 7.33 10.28 -19.92
N THR A 120 8.55 9.90 -20.30
CA THR A 120 8.86 9.76 -21.72
C THR A 120 8.14 8.57 -22.34
N CYS A 121 7.88 7.50 -21.56
CA CYS A 121 7.16 6.36 -22.09
C CYS A 121 5.74 6.74 -22.50
N TRP A 122 5.08 7.60 -21.70
CA TRP A 122 3.77 8.11 -22.04
C TRP A 122 3.85 9.39 -22.87
N ARG A 123 5.05 9.86 -23.20
CA ARG A 123 5.19 10.95 -24.15
C ARG A 123 5.37 10.45 -25.58
N LYS A 124 6.06 9.31 -25.75
CA LYS A 124 6.26 8.75 -27.07
C LYS A 124 4.93 8.40 -27.75
N VAL A 125 3.94 7.97 -26.98
CA VAL A 125 2.62 7.64 -27.50
C VAL A 125 1.58 8.38 -26.68
N CYS A 126 0.44 8.66 -27.31
CA CYS A 126 -0.73 9.32 -26.73
C CYS A 126 -0.35 10.51 -25.85
N PRO A 127 0.09 11.63 -26.45
CA PRO A 127 0.43 12.81 -25.63
C PRO A 127 -0.71 13.34 -24.80
N LEU A 128 -1.95 12.91 -25.04
CA LEU A 128 -3.03 13.23 -24.12
C LEU A 128 -2.70 12.74 -22.71
N PHE A 129 -2.06 11.59 -22.61
CA PHE A 129 -1.77 10.95 -21.34
C PHE A 129 -0.35 11.21 -20.85
N GLU A 130 0.32 12.22 -21.40
CA GLU A 130 1.58 12.67 -20.81
C GLU A 130 1.35 13.22 -19.41
N GLY A 131 0.14 13.71 -19.14
CA GLY A 131 -0.21 14.11 -17.79
C GLY A 131 -0.25 12.97 -16.80
N ILE A 132 -0.40 11.73 -17.29
CA ILE A 132 -0.32 10.58 -16.41
C ILE A 132 1.07 10.46 -15.79
N GLY A 133 2.10 10.70 -16.60
CA GLY A 133 3.46 10.70 -16.07
C GLY A 133 3.64 11.75 -14.98
N TYR A 134 2.97 12.90 -15.12
CA TYR A 134 3.01 13.89 -14.06
C TYR A 134 2.17 13.47 -12.86
N ALA A 135 1.01 12.88 -13.12
CA ALA A 135 0.15 12.42 -12.02
C ALA A 135 0.79 11.28 -11.26
N THR A 136 1.46 10.37 -11.96
CA THR A 136 2.16 9.26 -11.30
C THR A 136 3.27 9.78 -10.39
N GLN A 137 4.00 10.80 -10.84
CA GLN A 137 5.08 11.34 -10.04
C GLN A 137 4.58 11.93 -8.72
N VAL A 138 3.44 12.61 -8.77
CA VAL A 138 2.86 13.17 -7.54
C VAL A 138 2.47 12.04 -6.58
N ILE A 139 2.01 10.90 -7.13
CA ILE A 139 1.66 9.77 -6.29
C ILE A 139 2.87 9.28 -5.51
N GLU A 140 4.02 9.16 -6.19
CA GLU A 140 5.22 8.69 -5.52
C GLU A 140 5.71 9.70 -4.49
N ALA A 141 5.60 11.00 -4.80
CA ALA A 141 5.99 12.01 -3.82
C ALA A 141 5.12 11.95 -2.57
N HIS A 142 3.81 11.76 -2.75
CA HIS A 142 2.92 11.58 -1.60
C HIS A 142 3.28 10.30 -0.83
N LEU A 143 3.55 9.22 -1.55
CA LEU A 143 3.80 7.94 -0.90
C LEU A 143 5.09 7.96 -0.08
N ASN A 144 6.13 8.60 -0.59
CA ASN A 144 7.43 8.53 0.09
C ASN A 144 7.42 9.22 1.45
N VAL A 145 6.50 10.18 1.65
CA VAL A 145 6.47 10.92 2.90
C VAL A 145 5.89 10.04 4.02
N TYR A 146 4.78 9.37 3.74
CA TYR A 146 4.03 8.64 4.76
C TYR A 146 4.40 7.16 4.84
N TYR A 147 5.26 6.68 3.96
CA TYR A 147 5.68 5.28 4.00
C TYR A 147 6.84 5.04 4.95
N ILE A 148 7.46 6.09 5.48
CA ILE A 148 8.59 5.94 6.38
C ILE A 148 8.18 5.88 7.85
N ILE A 149 6.94 6.28 8.17
CA ILE A 149 6.49 6.21 9.56
C ILE A 149 6.41 4.76 10.03
N ILE A 150 6.22 3.81 9.10
CA ILE A 150 6.22 2.40 9.46
C ILE A 150 7.58 2.01 10.01
N LEU A 151 8.66 2.44 9.35
CA LEU A 151 10.00 2.15 9.82
C LEU A 151 10.29 2.83 11.17
N ALA A 152 9.58 3.91 11.50
CA ALA A 152 9.82 4.58 12.78
C ALA A 152 9.38 3.70 13.95
N TRP A 153 8.17 3.16 13.89
CA TRP A 153 7.66 2.36 15.00
C TRP A 153 8.44 1.07 15.15
N ALA A 154 8.86 0.47 14.04
CA ALA A 154 9.63 -0.78 14.12
C ALA A 154 10.95 -0.57 14.83
N ILE A 155 11.60 0.57 14.59
CA ILE A 155 12.84 0.88 15.29
C ILE A 155 12.60 1.03 16.79
N PHE A 156 11.51 1.71 17.15
CA PHE A 156 11.19 1.89 18.57
C PHE A 156 10.96 0.55 19.24
N TYR A 157 10.19 -0.33 18.58
CA TYR A 157 9.93 -1.65 19.15
C TYR A 157 11.22 -2.46 19.26
N LEU A 158 12.09 -2.37 18.25
CA LEU A 158 13.37 -3.08 18.31
C LEU A 158 14.23 -2.58 19.46
N SER A 159 14.07 -1.32 19.86
CA SER A 159 14.87 -0.77 20.95
C SER A 159 14.43 -1.29 22.31
N ASN A 160 13.19 -1.77 22.44
CA ASN A 160 12.70 -2.32 23.69
C ASN A 160 12.78 -3.84 23.75
N CYS A 161 13.24 -4.48 22.67
CA CYS A 161 13.37 -5.93 22.64
C CYS A 161 14.75 -6.41 23.09
N PHE A 162 15.68 -5.50 23.33
CA PHE A 162 17.02 -5.88 23.81
C PHE A 162 17.08 -5.87 25.34
N THR A 163 16.14 -6.56 25.98
CA THR A 163 16.05 -6.62 27.43
C THR A 163 15.79 -8.07 27.85
N THR A 164 15.76 -8.28 29.17
CA THR A 164 15.46 -9.60 29.70
C THR A 164 13.99 -9.96 29.52
N GLU A 165 13.09 -9.03 29.80
CA GLU A 165 11.66 -9.25 29.67
C GLU A 165 11.03 -8.09 28.90
N LEU A 166 10.16 -8.43 27.96
CA LEU A 166 9.52 -7.42 27.16
C LEU A 166 8.52 -6.62 28.00
N PRO A 167 8.23 -5.34 27.70
CA PRO A 167 7.35 -4.54 28.54
C PRO A 167 5.87 -4.88 28.33
N TRP A 168 5.53 -5.45 27.17
CA TRP A 168 4.12 -5.73 26.91
C TRP A 168 3.68 -7.09 27.46
N ALA A 169 4.61 -7.96 27.82
CA ALA A 169 4.21 -9.25 28.41
C ALA A 169 3.51 -9.05 29.75
N THR A 170 4.02 -8.15 30.58
CA THR A 170 3.51 -7.92 31.93
C THR A 170 2.92 -6.53 32.04
N CYS A 171 2.26 -6.27 33.17
CA CYS A 171 1.67 -4.97 33.47
C CYS A 171 2.28 -4.41 34.75
N GLY A 172 1.70 -3.32 35.23
CA GLY A 172 2.19 -2.64 36.42
C GLY A 172 3.11 -1.47 36.16
N HIS A 173 3.20 -1.00 34.93
CA HIS A 173 4.12 0.07 34.55
C HIS A 173 3.40 1.42 34.59
N GLU A 174 4.17 2.49 34.37
CA GLU A 174 3.60 3.84 34.45
C GLU A 174 2.68 4.12 33.28
N TRP A 175 2.95 3.54 32.10
CA TRP A 175 2.05 3.71 30.98
C TRP A 175 0.92 2.70 30.98
N ASN A 176 0.61 2.11 32.13
CA ASN A 176 -0.39 1.05 32.23
C ASN A 176 -1.46 1.45 33.24
N THR A 177 -2.72 1.37 32.83
CA THR A 177 -3.81 1.73 33.70
C THR A 177 -4.13 0.59 34.67
N GLU A 178 -4.97 0.89 35.66
CA GLU A 178 -5.31 -0.09 36.69
C GLU A 178 -6.12 -1.26 36.14
N ASN A 179 -6.75 -1.11 34.98
CA ASN A 179 -7.56 -2.18 34.38
C ASN A 179 -6.72 -2.93 33.35
N CYS A 180 -5.77 -3.71 33.85
CA CYS A 180 -4.91 -4.54 33.02
C CYS A 180 -4.92 -5.97 33.58
N VAL A 181 -5.88 -6.77 33.12
CA VAL A 181 -5.90 -8.18 33.48
C VAL A 181 -4.78 -8.89 32.73
N GLU A 182 -4.03 -9.74 33.44
CA GLU A 182 -2.87 -10.39 32.84
C GLU A 182 -3.28 -11.33 31.72
N PHE A 183 -4.48 -11.90 31.78
CA PHE A 183 -5.07 -12.69 30.69
C PHE A 183 -4.22 -13.91 30.33
N GLN A 184 -3.67 -14.58 31.35
CA GLN A 184 -3.05 -15.88 31.13
C GLN A 184 -3.41 -16.90 32.20
N LYS A 185 -4.21 -16.53 33.20
CA LYS A 185 -4.61 -17.47 34.25
C LYS A 185 -5.47 -18.59 33.68
N LEU A 196 -16.41 -9.41 33.42
CA LEU A 196 -15.08 -8.98 33.01
C LEU A 196 -15.16 -7.64 32.28
N GLN A 197 -15.67 -6.63 32.98
CA GLN A 197 -15.80 -5.29 32.39
C GLN A 197 -14.44 -4.62 32.27
N ASN A 198 -14.35 -3.69 31.33
CA ASN A 198 -13.13 -2.91 31.07
C ASN A 198 -11.95 -3.83 30.77
N ALA A 199 -12.19 -4.87 29.99
CA ALA A 199 -11.13 -5.78 29.61
C ALA A 199 -10.13 -5.09 28.70
N THR A 200 -8.85 -5.20 29.03
CA THR A 200 -7.80 -4.54 28.26
C THR A 200 -6.50 -5.33 28.39
N SER A 201 -5.89 -5.65 27.24
CA SER A 201 -4.68 -6.46 27.21
C SER A 201 -3.43 -5.57 27.34
N PRO A 202 -2.37 -6.09 27.96
CA PRO A 202 -1.14 -5.27 28.11
C PRO A 202 -0.51 -4.86 26.79
N VAL A 203 -0.57 -5.71 25.76
CA VAL A 203 0.05 -5.38 24.47
C VAL A 203 -0.63 -4.17 23.85
N MET A 204 -1.96 -4.15 23.85
CA MET A 204 -2.69 -3.00 23.35
C MET A 204 -2.35 -1.76 24.16
N GLU A 205 -2.17 -1.91 25.47
CA GLU A 205 -1.77 -0.79 26.30
C GLU A 205 -0.40 -0.27 25.90
N PHE A 206 0.55 -1.17 25.62
CA PHE A 206 1.87 -0.74 25.19
C PHE A 206 1.79 0.00 23.86
N TRP A 207 0.96 -0.49 22.93
CA TRP A 207 0.85 0.16 21.63
C TRP A 207 0.19 1.52 21.73
N GLU A 208 -0.82 1.66 22.58
CA GLU A 208 -1.67 2.84 22.58
C GLU A 208 -1.26 3.91 23.59
N HIS A 209 -0.57 3.54 24.67
CA HIS A 209 -0.19 4.49 25.70
C HIS A 209 1.30 4.80 25.76
N ARG A 210 2.13 4.04 25.06
CA ARG A 210 3.57 4.26 25.09
C ARG A 210 4.15 4.59 23.72
N VAL A 211 3.82 3.81 22.70
CA VAL A 211 4.36 4.07 21.36
C VAL A 211 3.81 5.38 20.81
N LEU A 212 2.49 5.45 20.64
CA LEU A 212 1.83 6.66 20.22
C LEU A 212 0.56 6.84 21.05
N ALA A 213 0.42 7.97 21.71
CA ALA A 213 -0.72 8.25 22.57
C ALA A 213 -1.72 9.09 21.78
N ILE A 214 -2.81 8.46 21.35
CA ILE A 214 -3.85 9.19 20.64
C ILE A 214 -4.48 10.20 21.58
N SER A 215 -4.51 11.46 21.15
CA SER A 215 -4.89 12.57 22.03
C SER A 215 -6.35 12.96 21.89
N ASP A 216 -7.24 12.00 21.59
CA ASP A 216 -8.68 12.21 21.56
C ASP A 216 -9.02 13.30 20.53
N GLY A 217 -8.81 12.95 19.26
CA GLY A 217 -9.24 13.81 18.18
C GLY A 217 -8.12 14.40 17.36
N ILE A 218 -8.40 14.69 16.08
CA ILE A 218 -7.43 15.35 15.23
C ILE A 218 -7.20 16.79 15.66
N GLU A 219 -8.14 17.39 16.38
CA GLU A 219 -7.98 18.77 16.83
C GLU A 219 -6.78 18.91 17.77
N HIS A 220 -6.61 17.97 18.68
CA HIS A 220 -5.52 18.04 19.64
C HIS A 220 -4.23 17.50 19.02
N ILE A 221 -3.16 18.29 19.12
CA ILE A 221 -1.84 17.86 18.68
C ILE A 221 -0.91 17.57 19.84
N GLY A 222 -0.98 18.34 20.92
CA GLY A 222 -0.15 18.07 22.08
C GLY A 222 1.30 18.41 21.81
N ASN A 223 2.21 17.61 22.37
CA ASN A 223 3.64 17.81 22.22
C ASN A 223 4.18 16.92 21.12
N LEU A 224 5.48 17.04 20.87
CA LEU A 224 6.18 16.22 19.88
C LEU A 224 6.84 15.05 20.57
N ARG A 225 6.61 13.85 20.06
CA ARG A 225 7.18 12.63 20.63
C ARG A 225 8.67 12.61 20.32
N TRP A 226 9.48 13.01 21.30
CA TRP A 226 10.93 13.08 21.09
C TRP A 226 11.54 11.70 20.85
N GLU A 227 11.04 10.68 21.55
CA GLU A 227 11.59 9.33 21.38
C GLU A 227 11.42 8.84 19.96
N LEU A 228 10.25 9.06 19.36
CA LEU A 228 10.05 8.68 17.97
C LEU A 228 10.73 9.66 17.02
N ALA A 229 10.97 10.90 17.48
CA ALA A 229 11.63 11.88 16.63
C ALA A 229 13.05 11.45 16.30
N LEU A 230 13.78 10.94 17.30
CA LEU A 230 15.15 10.48 17.06
C LEU A 230 15.15 9.26 16.15
N CYS A 231 14.24 8.31 16.37
CA CYS A 231 14.20 7.10 15.55
C CYS A 231 13.87 7.42 14.10
N LEU A 232 12.96 8.36 13.87
CA LEU A 232 12.66 8.78 12.50
C LEU A 232 13.89 9.39 11.83
N LEU A 233 14.64 10.20 12.57
CA LEU A 233 15.90 10.72 12.05
C LEU A 233 16.89 9.59 11.79
N ALA A 234 16.87 8.55 12.63
CA ALA A 234 17.69 7.39 12.37
C ALA A 234 17.25 6.67 11.10
N ALA A 235 15.94 6.64 10.85
CA ALA A 235 15.44 6.03 9.62
C ALA A 235 15.90 6.82 8.39
N TRP A 236 15.83 8.15 8.47
CA TRP A 236 16.22 8.99 7.35
C TRP A 236 17.73 9.16 7.20
N THR A 237 18.51 8.76 8.20
CA THR A 237 19.96 8.85 8.08
C THR A 237 20.46 7.90 7.00
N ILE A 238 19.89 6.71 6.91
CA ILE A 238 20.29 5.72 5.91
C ILE A 238 19.85 6.23 4.54
N CYS A 239 20.80 6.68 3.72
CA CYS A 239 20.51 7.21 2.40
C CYS A 239 21.44 6.58 1.37
N TYR A 240 20.91 6.40 0.16
CA TYR A 240 21.61 5.77 -0.96
C TYR A 240 22.37 4.52 -0.56
N TYR A 255 21.40 -9.85 0.81
CA TYR A 255 22.32 -10.97 0.89
C TYR A 255 21.58 -12.25 1.28
N VAL A 256 21.66 -12.62 2.56
CA VAL A 256 20.97 -13.81 3.07
C VAL A 256 19.48 -13.59 3.22
N THR A 257 18.98 -12.38 2.96
CA THR A 257 17.57 -12.06 3.10
C THR A 257 16.70 -12.63 1.99
N ALA A 258 17.24 -13.53 1.16
CA ALA A 258 16.46 -14.10 0.07
C ALA A 258 15.25 -14.87 0.59
N THR A 259 15.45 -15.69 1.62
CA THR A 259 14.38 -16.50 2.19
C THR A 259 14.15 -16.21 3.68
N PHE A 260 14.83 -15.19 4.23
CA PHE A 260 14.66 -14.88 5.65
C PHE A 260 13.23 -14.48 5.99
N PRO A 261 12.56 -13.58 5.25
CA PRO A 261 11.14 -13.30 5.57
C PRO A 261 10.25 -14.53 5.43
N TYR A 262 10.50 -15.38 4.45
CA TYR A 262 9.64 -16.53 4.22
C TYR A 262 9.73 -17.54 5.36
N ILE A 263 10.93 -17.79 5.87
CA ILE A 263 11.11 -18.74 6.97
C ILE A 263 10.38 -18.24 8.21
N MET A 264 10.51 -16.95 8.52
CA MET A 264 9.86 -16.40 9.71
C MET A 264 8.34 -16.39 9.54
N LEU A 265 7.86 -16.09 8.34
CA LEU A 265 6.43 -16.19 8.08
C LEU A 265 5.93 -17.62 8.29
N LEU A 266 6.69 -18.61 7.82
CA LEU A 266 6.29 -19.99 7.97
C LEU A 266 6.25 -20.41 9.44
N ILE A 267 7.28 -20.03 10.21
CA ILE A 267 7.29 -20.45 11.62
C ILE A 267 6.19 -19.74 12.39
N LEU A 268 5.92 -18.47 12.08
CA LEU A 268 4.80 -17.78 12.72
C LEU A 268 3.48 -18.44 12.37
N LEU A 269 3.31 -18.86 11.11
CA LEU A 269 2.09 -19.55 10.72
C LEU A 269 1.95 -20.89 11.44
N ILE A 270 3.06 -21.61 11.62
CA ILE A 270 3.02 -22.88 12.33
C ILE A 270 2.55 -22.67 13.76
N ARG A 271 3.10 -21.65 14.42
CA ARG A 271 2.65 -21.34 15.78
C ARG A 271 1.20 -20.86 15.79
N GLY A 272 0.83 -20.02 14.81
CA GLY A 272 -0.50 -19.44 14.82
C GLY A 272 -1.61 -20.48 14.76
N VAL A 273 -1.42 -21.52 13.96
CA VAL A 273 -2.39 -22.61 13.93
C VAL A 273 -2.37 -23.40 15.24
N THR A 274 -1.19 -23.51 15.87
CA THR A 274 -1.02 -24.47 16.96
C THR A 274 -1.81 -24.10 18.21
N LEU A 275 -1.97 -22.81 18.52
CA LEU A 275 -2.58 -22.44 19.79
C LEU A 275 -4.02 -22.93 19.86
N PRO A 276 -4.50 -23.29 21.04
CA PRO A 276 -5.90 -23.71 21.19
C PRO A 276 -6.85 -22.56 20.94
N GLY A 277 -8.06 -22.91 20.50
CA GLY A 277 -9.07 -21.91 20.21
C GLY A 277 -8.75 -21.03 19.02
N ALA A 278 -8.12 -21.59 17.99
CA ALA A 278 -7.84 -20.87 16.76
C ALA A 278 -8.77 -21.25 15.62
N SER A 279 -9.70 -22.18 15.85
CA SER A 279 -10.62 -22.59 14.80
C SER A 279 -11.57 -21.47 14.43
N GLU A 280 -12.01 -20.68 15.41
CA GLU A 280 -12.92 -19.58 15.13
C GLU A 280 -12.26 -18.50 14.28
N GLY A 281 -10.95 -18.33 14.42
CA GLY A 281 -10.26 -17.32 13.63
C GLY A 281 -10.32 -17.61 12.14
N ILE A 282 -10.07 -18.87 11.75
CA ILE A 282 -10.15 -19.23 10.34
C ILE A 282 -11.58 -19.15 9.84
N LYS A 283 -12.55 -19.53 10.68
CA LYS A 283 -13.94 -19.50 10.27
C LYS A 283 -14.41 -18.08 9.94
N PHE A 284 -13.96 -17.10 10.74
CA PHE A 284 -14.26 -15.70 10.44
C PHE A 284 -13.60 -15.27 9.14
N TYR A 285 -12.37 -15.74 8.90
CA TYR A 285 -11.62 -15.31 7.72
C TYR A 285 -12.24 -15.86 6.44
N LEU A 286 -12.64 -17.13 6.44
CA LEU A 286 -13.03 -17.79 5.19
C LEU A 286 -14.47 -17.48 4.82
N TYR A 287 -15.43 -17.84 5.67
CA TYR A 287 -16.84 -17.67 5.34
C TYR A 287 -17.19 -16.20 5.22
N PRO A 288 -17.72 -15.75 4.08
CA PRO A 288 -18.02 -14.32 3.91
C PRO A 288 -19.43 -13.96 4.37
N ASP A 289 -19.59 -12.68 4.69
CA ASP A 289 -20.88 -12.10 5.05
C ASP A 289 -21.41 -11.35 3.83
N LEU A 290 -22.48 -11.87 3.24
CA LEU A 290 -22.98 -11.32 1.98
C LEU A 290 -23.72 -10.00 2.16
N SER A 291 -24.07 -9.64 3.39
CA SER A 291 -24.78 -8.39 3.63
C SER A 291 -23.86 -7.17 3.53
N ARG A 292 -22.55 -7.35 3.49
CA ARG A 292 -21.60 -6.25 3.48
C ARG A 292 -21.33 -5.75 2.06
N LEU A 293 -21.74 -6.47 1.03
CA LEU A 293 -21.48 -6.05 -0.35
C LEU A 293 -22.20 -4.76 -0.70
N SER A 294 -23.18 -4.33 0.08
CA SER A 294 -23.88 -3.08 -0.21
C SER A 294 -23.01 -1.86 0.11
N ASP A 295 -22.08 -1.99 1.02
CA ASP A 295 -21.26 -0.86 1.44
C ASP A 295 -20.22 -0.55 0.37
N PRO A 296 -20.20 0.66 -0.19
CA PRO A 296 -19.19 0.99 -1.22
C PRO A 296 -17.76 0.98 -0.70
N GLN A 297 -17.56 1.12 0.61
CA GLN A 297 -16.20 1.18 1.14
C GLN A 297 -15.46 -0.13 0.94
N VAL A 298 -16.17 -1.26 0.99
CA VAL A 298 -15.53 -2.55 0.86
C VAL A 298 -14.97 -2.73 -0.55
N TRP A 299 -15.67 -2.23 -1.57
CA TRP A 299 -15.21 -2.40 -2.94
C TRP A 299 -14.02 -1.49 -3.23
N VAL A 300 -14.03 -0.26 -2.72
CA VAL A 300 -13.02 0.72 -3.12
C VAL A 300 -11.64 0.36 -2.57
N ASP A 301 -11.59 -0.13 -1.33
CA ASP A 301 -10.28 -0.39 -0.72
C ASP A 301 -9.61 -1.61 -1.33
N ALA A 302 -10.36 -2.70 -1.51
CA ALA A 302 -9.78 -3.91 -2.11
C ALA A 302 -9.33 -3.65 -3.54
N GLY A 303 -10.17 -2.97 -4.33
CA GLY A 303 -9.79 -2.64 -5.68
C GLY A 303 -8.57 -1.74 -5.74
N THR A 304 -8.38 -0.90 -4.73
CA THR A 304 -7.16 -0.11 -4.62
C THR A 304 -6.04 -0.86 -3.93
N GLN A 305 -6.37 -1.82 -3.05
CA GLN A 305 -5.34 -2.62 -2.41
C GLN A 305 -4.61 -3.48 -3.43
N ILE A 306 -5.34 -4.03 -4.40
CA ILE A 306 -4.68 -4.82 -5.45
C ILE A 306 -3.81 -3.94 -6.34
N PHE A 307 -3.99 -2.62 -6.29
CA PHE A 307 -3.20 -1.69 -7.07
C PHE A 307 -1.96 -1.18 -6.33
N PHE A 308 -1.65 -1.75 -5.16
CA PHE A 308 -0.52 -1.26 -4.37
C PHE A 308 0.82 -1.56 -5.02
N SER A 309 0.86 -2.45 -6.02
CA SER A 309 2.09 -2.78 -6.72
C SER A 309 2.10 -2.22 -8.14
N TYR A 310 1.32 -1.17 -8.37
CA TYR A 310 1.18 -0.62 -9.72
C TYR A 310 0.90 0.88 -9.63
N ALA A 311 1.17 1.56 -10.74
CA ALA A 311 0.98 3.00 -10.93
C ALA A 311 1.98 3.84 -10.15
N ILE A 312 3.12 3.26 -9.78
CA ILE A 312 4.14 4.01 -9.06
C ILE A 312 5.48 3.90 -9.78
N CYS A 313 6.05 2.69 -9.83
CA CYS A 313 7.40 2.52 -10.35
C CYS A 313 7.59 1.27 -11.20
N LEU A 314 6.52 0.60 -11.62
CA LEU A 314 6.66 -0.61 -12.42
C LEU A 314 6.63 -0.35 -13.92
N GLY A 315 6.45 0.90 -14.33
CA GLY A 315 6.43 1.24 -15.74
C GLY A 315 7.79 1.38 -16.39
N CYS A 316 8.86 1.20 -15.63
CA CYS A 316 10.22 1.28 -16.16
C CYS A 316 10.78 -0.14 -16.26
N LEU A 317 11.01 -0.61 -17.47
CA LEU A 317 11.59 -1.92 -17.73
C LEU A 317 12.89 -1.77 -18.51
N THR A 318 13.90 -2.55 -18.15
CA THR A 318 15.18 -2.51 -18.85
C THR A 318 15.73 -3.91 -19.13
N ALA A 319 14.87 -4.92 -19.14
CA ALA A 319 15.30 -6.30 -19.38
C ALA A 319 15.67 -6.50 -20.85
N ASN A 327 14.60 -8.67 -24.54
CA ASN A 327 13.20 -8.73 -24.15
C ASN A 327 12.98 -9.71 -23.01
N ASN A 328 12.99 -11.00 -23.35
CA ASN A 328 12.87 -12.12 -22.39
C ASN A 328 11.72 -11.93 -21.42
N ASN A 329 10.70 -11.16 -21.82
CA ASN A 329 9.53 -11.00 -20.97
C ASN A 329 8.74 -12.30 -20.87
N CYS A 330 8.53 -12.98 -22.00
CA CYS A 330 7.77 -14.23 -22.06
C CYS A 330 6.44 -14.10 -21.35
N TYR A 331 6.21 -14.92 -20.33
CA TYR A 331 5.00 -14.86 -19.53
C TYR A 331 5.34 -14.90 -18.05
N ARG A 332 6.34 -14.11 -17.65
CA ARG A 332 6.61 -13.84 -16.25
C ARG A 332 5.73 -12.72 -15.71
N ASP A 333 4.64 -12.40 -16.41
CA ASP A 333 3.74 -11.36 -15.93
C ASP A 333 3.09 -11.77 -14.62
N CYS A 334 2.67 -13.04 -14.53
CA CYS A 334 2.10 -13.55 -13.26
C CYS A 334 2.73 -14.89 -12.85
N ILE A 335 3.86 -15.28 -13.45
CA ILE A 335 4.56 -16.45 -12.95
C ILE A 335 5.48 -16.09 -11.79
N MET A 336 6.20 -14.96 -11.90
CA MET A 336 7.12 -14.55 -10.85
C MET A 336 6.66 -13.29 -10.13
N LEU A 337 6.46 -12.20 -10.87
CA LEU A 337 6.12 -10.93 -10.23
C LEU A 337 4.70 -10.92 -9.72
N CYS A 338 3.91 -11.93 -10.07
CA CYS A 338 2.49 -11.97 -9.74
C CYS A 338 2.03 -13.39 -9.45
N CYS A 339 0.78 -13.53 -8.98
CA CYS A 339 0.16 -14.79 -8.58
C CYS A 339 0.80 -15.36 -7.32
N LEU A 340 1.87 -14.72 -6.85
CA LEU A 340 2.44 -15.08 -5.56
C LEU A 340 2.19 -13.98 -4.53
N ASN A 341 2.13 -12.72 -4.98
CA ASN A 341 1.81 -11.62 -4.08
C ASN A 341 0.43 -11.84 -3.45
N SER A 342 -0.55 -12.21 -4.27
CA SER A 342 -1.86 -12.56 -3.71
C SER A 342 -1.78 -13.80 -2.84
N GLY A 343 -1.00 -14.81 -3.26
CA GLY A 343 -0.84 -16.00 -2.44
C GLY A 343 -0.14 -15.70 -1.13
N THR A 344 0.91 -14.87 -1.18
CA THR A 344 1.60 -14.49 0.05
C THR A 344 0.69 -13.70 0.97
N SER A 345 -0.13 -12.81 0.41
CA SER A 345 -1.11 -12.07 1.21
C SER A 345 -2.10 -13.03 1.87
N PHE A 346 -2.56 -14.02 1.12
CA PHE A 346 -3.50 -15.00 1.67
C PHE A 346 -2.87 -15.79 2.81
N VAL A 347 -1.61 -16.20 2.64
CA VAL A 347 -0.93 -16.95 3.69
C VAL A 347 -0.71 -16.08 4.93
N ALA A 348 -0.32 -14.82 4.72
CA ALA A 348 -0.13 -13.90 5.84
C ALA A 348 -1.44 -13.67 6.59
N GLY A 349 -2.54 -13.50 5.87
CA GLY A 349 -3.83 -13.35 6.52
C GLY A 349 -4.25 -14.62 7.26
N PHE A 350 -3.91 -15.78 6.71
CA PHE A 350 -4.15 -17.04 7.41
C PHE A 350 -3.37 -17.10 8.71
N ALA A 351 -2.12 -16.64 8.70
CA ALA A 351 -1.28 -16.72 9.89
C ALA A 351 -1.72 -15.70 10.96
N ILE A 352 -1.99 -14.46 10.55
CA ILE A 352 -2.28 -13.42 11.51
C ILE A 352 -3.64 -13.65 12.17
N PHE A 353 -4.66 -13.98 11.37
CA PHE A 353 -6.02 -14.08 11.88
C PHE A 353 -6.18 -15.21 12.90
N SER A 354 -5.31 -16.22 12.86
CA SER A 354 -5.39 -17.30 13.84
C SER A 354 -5.12 -16.77 15.26
N VAL A 355 -4.13 -15.88 15.39
CA VAL A 355 -3.79 -15.35 16.70
C VAL A 355 -4.93 -14.51 17.26
N LEU A 356 -5.61 -13.76 16.39
CA LEU A 356 -6.76 -12.98 16.83
C LEU A 356 -7.85 -13.87 17.42
N GLY A 357 -7.95 -15.11 16.94
CA GLY A 357 -8.89 -16.04 17.55
C GLY A 357 -8.52 -16.40 18.97
N PHE A 358 -7.22 -16.56 19.24
CA PHE A 358 -6.78 -16.92 20.59
C PHE A 358 -7.06 -15.81 21.59
N MET A 359 -6.83 -14.55 21.20
CA MET A 359 -7.12 -13.44 22.09
C MET A 359 -8.62 -13.34 22.38
N ALA A 360 -9.45 -13.57 21.36
CA ALA A 360 -10.90 -13.58 21.57
C ALA A 360 -11.30 -14.72 22.50
N TYR A 361 -10.67 -15.89 22.34
CA TYR A 361 -10.97 -17.02 23.23
C TYR A 361 -10.58 -16.70 24.67
N GLU A 362 -9.42 -16.07 24.87
CA GLU A 362 -8.96 -15.78 26.22
C GLU A 362 -9.79 -14.67 26.88
N GLN A 363 -10.17 -13.64 26.13
CA GLN A 363 -10.88 -12.50 26.69
C GLN A 363 -12.39 -12.71 26.74
N GLY A 364 -12.92 -13.73 26.08
CA GLY A 364 -14.36 -13.93 26.04
C GLY A 364 -15.12 -12.86 25.30
N VAL A 365 -14.57 -12.37 24.19
CA VAL A 365 -15.18 -11.31 23.39
C VAL A 365 -15.17 -11.76 21.94
N PRO A 366 -16.17 -11.42 21.13
CA PRO A 366 -16.16 -11.83 19.72
C PRO A 366 -14.95 -11.26 18.99
N ILE A 367 -14.49 -12.02 17.98
CA ILE A 367 -13.24 -11.71 17.28
C ILE A 367 -13.30 -10.35 16.60
N ALA A 368 -14.51 -9.90 16.23
CA ALA A 368 -14.63 -8.63 15.52
C ALA A 368 -14.22 -7.44 16.37
N GLU A 369 -14.19 -7.58 17.69
CA GLU A 369 -13.88 -6.48 18.59
C GLU A 369 -12.86 -6.90 19.64
N VAL A 370 -11.78 -7.54 19.20
CA VAL A 370 -10.73 -7.97 20.10
C VAL A 370 -9.43 -7.19 19.91
N ALA A 371 -9.25 -6.51 18.77
CA ALA A 371 -8.02 -5.76 18.53
C ALA A 371 -8.33 -4.38 17.99
N GLU A 372 -7.30 -3.66 17.54
CA GLU A 372 -7.45 -2.33 16.97
C GLU A 372 -7.54 -2.45 15.45
N SER A 373 -8.62 -1.94 14.88
CA SER A 373 -8.83 -2.01 13.44
C SER A 373 -8.14 -0.85 12.74
N GLY A 374 -6.84 -0.69 12.99
CA GLY A 374 -6.08 0.37 12.37
C GLY A 374 -4.77 -0.15 11.82
N PRO A 375 -3.91 0.76 11.36
CA PRO A 375 -2.62 0.32 10.77
C PRO A 375 -1.71 -0.37 11.76
N GLY A 376 -2.03 -0.36 13.06
CA GLY A 376 -1.19 -0.99 14.06
C GLY A 376 -1.58 -2.43 14.34
N LEU A 377 -2.35 -3.05 13.45
CA LEU A 377 -2.76 -4.44 13.66
C LEU A 377 -1.55 -5.37 13.67
N ALA A 378 -0.60 -5.15 12.76
CA ALA A 378 0.59 -5.98 12.74
C ALA A 378 1.47 -5.78 13.97
N PHE A 379 1.24 -4.71 14.73
CA PHE A 379 1.98 -4.43 15.95
C PHE A 379 1.27 -4.94 17.20
N ILE A 380 0.19 -5.69 17.03
CA ILE A 380 -0.54 -6.29 18.14
C ILE A 380 -0.56 -7.81 18.05
N ALA A 381 -0.98 -8.34 16.90
CA ALA A 381 -1.07 -9.79 16.74
C ALA A 381 0.30 -10.46 16.78
N TYR A 382 1.24 -9.95 15.99
CA TYR A 382 2.57 -10.57 15.94
C TYR A 382 3.32 -10.48 17.26
N PRO A 383 3.39 -9.32 17.95
CA PRO A 383 4.07 -9.32 19.25
C PRO A 383 3.44 -10.26 20.26
N LYS A 384 2.12 -10.43 20.24
CA LYS A 384 1.48 -11.40 21.14
C LYS A 384 1.92 -12.82 20.82
N ALA A 385 1.96 -13.16 19.53
CA ALA A 385 2.39 -14.49 19.13
C ALA A 385 3.83 -14.75 19.53
N VAL A 386 4.70 -13.75 19.39
CA VAL A 386 6.08 -13.90 19.85
C VAL A 386 6.12 -14.03 21.37
N THR A 387 5.24 -13.32 22.07
CA THR A 387 5.21 -13.38 23.53
C THR A 387 4.85 -14.79 24.01
N MET A 388 3.88 -15.43 23.37
CA MET A 388 3.47 -16.77 23.78
C MET A 388 4.16 -17.81 22.89
N MET A 389 5.48 -17.97 23.15
CA MET A 389 6.31 -18.99 22.53
C MET A 389 7.69 -18.93 23.17
N PRO A 390 8.45 -20.04 23.17
CA PRO A 390 9.73 -20.05 23.88
C PRO A 390 10.73 -19.09 23.26
N LEU A 391 11.63 -18.58 24.12
CA LEU A 391 12.66 -17.61 23.73
C LEU A 391 12.04 -16.37 23.09
N SER A 392 11.21 -15.69 23.88
CA SER A 392 10.46 -14.55 23.37
C SER A 392 11.35 -13.40 22.89
N PRO A 393 12.36 -12.95 23.64
CA PRO A 393 13.16 -11.82 23.12
C PRO A 393 13.92 -12.15 21.83
N LEU A 394 14.45 -13.37 21.72
CA LEU A 394 15.25 -13.74 20.56
C LEU A 394 14.42 -13.68 19.27
N TRP A 395 13.20 -14.19 19.31
CA TRP A 395 12.33 -14.12 18.16
C TRP A 395 11.60 -12.78 18.05
N ALA A 396 11.62 -11.98 19.11
CA ALA A 396 11.03 -10.64 19.05
C ALA A 396 11.95 -9.67 18.32
N THR A 397 13.26 -9.77 18.55
CA THR A 397 14.17 -8.84 17.88
C THR A 397 14.31 -9.15 16.40
N LEU A 398 14.05 -10.40 16.00
CA LEU A 398 14.19 -10.77 14.59
C LEU A 398 13.01 -10.29 13.74
N PHE A 399 11.80 -10.28 14.30
CA PHE A 399 10.62 -9.90 13.53
C PHE A 399 10.67 -8.44 13.10
N PHE A 400 10.93 -7.54 14.05
CA PHE A 400 11.04 -6.13 13.71
C PHE A 400 12.23 -5.86 12.81
N MET A 401 13.30 -6.66 12.95
CA MET A 401 14.43 -6.52 12.04
C MET A 401 14.02 -6.84 10.61
N MET A 402 13.23 -7.90 10.41
CA MET A 402 12.82 -8.24 9.06
C MET A 402 11.84 -7.20 8.51
N LEU A 403 10.99 -6.64 9.38
CA LEU A 403 10.12 -5.55 8.93
C LEU A 403 10.94 -4.34 8.49
N ILE A 404 11.99 -4.01 9.24
CA ILE A 404 12.87 -2.92 8.85
C ILE A 404 13.53 -3.20 7.51
N PHE A 405 13.99 -4.45 7.32
CA PHE A 405 14.62 -4.81 6.05
C PHE A 405 13.64 -4.69 4.89
N LEU A 406 12.39 -5.10 5.11
CA LEU A 406 11.39 -5.05 4.05
C LEU A 406 10.97 -3.61 3.74
N GLY A 407 11.07 -2.71 4.72
CA GLY A 407 10.79 -1.31 4.43
C GLY A 407 11.96 -0.58 3.79
N LEU A 408 13.19 -1.00 4.08
CA LEU A 408 14.37 -0.28 3.63
C LEU A 408 14.50 -0.27 2.11
N ASP A 409 14.37 -1.44 1.50
CA ASP A 409 14.52 -1.52 0.03
C ASP A 409 13.42 -0.75 -0.68
N SER A 410 12.19 -0.82 -0.17
CA SER A 410 11.09 -0.07 -0.78
C SER A 410 11.33 1.43 -0.69
N GLN A 411 11.77 1.91 0.47
CA GLN A 411 12.06 3.34 0.62
C GLN A 411 13.20 3.75 -0.29
N PHE A 412 14.24 2.92 -0.39
CA PHE A 412 15.36 3.20 -1.29
C PHE A 412 14.87 3.32 -2.73
N VAL A 413 14.04 2.37 -3.16
CA VAL A 413 13.57 2.37 -4.54
C VAL A 413 12.74 3.62 -4.81
N CYS A 414 11.84 3.97 -3.90
CA CYS A 414 10.99 5.14 -4.11
C CYS A 414 11.83 6.42 -4.18
N VAL A 415 12.77 6.58 -3.23
CA VAL A 415 13.56 7.80 -3.18
C VAL A 415 14.45 7.92 -4.42
N GLU A 416 15.08 6.82 -4.82
CA GLU A 416 15.96 6.87 -5.99
C GLU A 416 15.17 7.10 -7.27
N SER A 417 13.99 6.48 -7.40
CA SER A 417 13.18 6.68 -8.59
C SER A 417 12.69 8.11 -8.70
N LEU A 418 12.31 8.71 -7.56
CA LEU A 418 11.87 10.11 -7.59
C LEU A 418 12.99 11.03 -8.01
N VAL A 419 14.24 10.72 -7.65
CA VAL A 419 15.36 11.60 -7.95
C VAL A 419 15.54 11.73 -9.47
N THR A 420 15.43 10.62 -10.19
CA THR A 420 15.59 10.67 -11.64
C THR A 420 14.52 11.54 -12.29
N ALA A 421 13.32 11.59 -11.70
CA ALA A 421 12.27 12.46 -12.22
C ALA A 421 12.65 13.92 -12.10
N VAL A 422 13.24 14.31 -10.97
CA VAL A 422 13.67 15.70 -10.78
C VAL A 422 14.86 16.00 -11.67
N VAL A 423 15.79 15.06 -11.80
CA VAL A 423 17.01 15.27 -12.57
C VAL A 423 16.78 14.90 -14.03
N ASP A 424 15.50 14.67 -14.38
CA ASP A 424 15.17 14.31 -15.76
C ASP A 424 15.59 15.41 -16.73
N MET A 425 15.39 16.68 -16.36
CA MET A 425 15.86 17.77 -17.20
C MET A 425 17.39 17.75 -17.31
N TYR A 426 18.08 17.52 -16.19
CA TYR A 426 19.54 17.40 -16.13
C TYR A 426 20.22 18.61 -16.75
N PRO A 427 20.05 19.81 -16.17
CA PRO A 427 20.72 20.99 -16.75
C PRO A 427 22.23 20.87 -16.74
N LYS A 428 22.83 20.76 -15.55
CA LYS A 428 24.25 20.46 -15.42
C LYS A 428 24.49 19.19 -14.62
N VAL A 429 23.98 19.12 -13.39
CA VAL A 429 24.17 18.03 -12.43
C VAL A 429 25.41 17.17 -12.66
N ARG A 436 25.62 16.41 -7.93
CA ARG A 436 26.37 16.63 -6.70
C ARG A 436 25.59 16.13 -5.49
N GLU A 437 24.57 15.31 -5.78
CA GLU A 437 23.69 14.64 -4.81
C GLU A 437 23.12 15.61 -3.78
N LEU A 438 23.23 16.92 -4.03
CA LEU A 438 22.58 17.89 -3.16
C LEU A 438 21.07 17.80 -3.28
N LEU A 439 20.56 17.38 -4.45
CA LEU A 439 19.13 17.15 -4.57
C LEU A 439 18.68 16.04 -3.64
N ILE A 440 19.44 14.95 -3.57
CA ILE A 440 19.12 13.86 -2.64
C ILE A 440 19.24 14.35 -1.20
N LEU A 441 20.28 15.14 -0.91
CA LEU A 441 20.47 15.62 0.45
C LEU A 441 19.33 16.52 0.90
N ALA A 442 18.84 17.39 0.00
CA ALA A 442 17.75 18.28 0.34
C ALA A 442 16.39 17.57 0.35
N LEU A 443 16.22 16.55 -0.48
CA LEU A 443 14.96 15.81 -0.50
C LEU A 443 14.72 15.10 0.83
N SER A 444 15.77 14.51 1.41
CA SER A 444 15.62 13.83 2.69
C SER A 444 15.26 14.80 3.80
N VAL A 445 15.89 15.98 3.81
CA VAL A 445 15.64 16.94 4.89
C VAL A 445 14.20 17.43 4.83
N ILE A 446 13.72 17.80 3.64
CA ILE A 446 12.35 18.28 3.51
C ILE A 446 11.36 17.18 3.85
N SER A 447 11.61 15.96 3.37
CA SER A 447 10.71 14.85 3.67
C SER A 447 10.69 14.55 5.16
N TYR A 448 11.86 14.56 5.81
CA TYR A 448 11.91 14.35 7.25
C TYR A 448 11.22 15.47 8.01
N PHE A 449 11.45 16.72 7.59
CA PHE A 449 10.81 17.85 8.26
C PHE A 449 9.31 17.91 7.99
N LEU A 450 8.83 17.22 6.95
CA LEU A 450 7.40 17.15 6.69
C LEU A 450 6.73 15.96 7.35
N GLY A 451 7.50 14.94 7.72
CA GLY A 451 6.95 13.79 8.41
C GLY A 451 6.72 13.97 9.89
N LEU A 452 7.31 15.01 10.48
CA LEU A 452 7.10 15.28 11.90
C LEU A 452 5.67 15.69 12.21
N VAL A 453 4.90 16.07 11.19
CA VAL A 453 3.51 16.47 11.43
C VAL A 453 2.70 15.31 11.97
N MET A 454 2.88 14.11 11.39
CA MET A 454 2.12 12.93 11.76
C MET A 454 2.80 12.11 12.85
N LEU A 455 3.68 12.72 13.64
CA LEU A 455 4.41 11.99 14.68
C LEU A 455 4.11 12.51 16.07
N THR A 456 3.23 13.49 16.21
CA THR A 456 2.88 14.04 17.51
C THR A 456 1.81 13.17 18.16
N GLU A 457 1.22 13.65 19.26
CA GLU A 457 0.16 12.89 19.91
C GLU A 457 -1.07 12.75 19.02
N GLY A 458 -1.43 13.81 18.30
CA GLY A 458 -2.51 13.77 17.34
C GLY A 458 -2.09 13.40 15.93
N GLY A 459 -0.83 12.99 15.73
CA GLY A 459 -0.35 12.68 14.40
C GLY A 459 -0.72 11.31 13.88
N MET A 460 -1.41 10.49 14.68
CA MET A 460 -1.83 9.18 14.20
C MET A 460 -3.02 9.33 13.25
N TYR A 461 -3.91 10.28 13.54
CA TYR A 461 -5.07 10.51 12.67
C TYR A 461 -4.64 10.92 11.27
N ILE A 462 -3.62 11.79 11.18
CA ILE A 462 -3.15 12.27 9.88
C ILE A 462 -2.65 11.11 9.03
N PHE A 463 -1.98 10.14 9.66
CA PHE A 463 -1.52 8.96 8.92
C PHE A 463 -2.69 8.19 8.34
N GLN A 464 -3.85 8.23 8.98
CA GLN A 464 -5.03 7.56 8.43
C GLN A 464 -5.55 8.30 7.19
N LEU A 465 -5.61 9.63 7.26
CA LEU A 465 -6.03 10.41 6.09
C LEU A 465 -5.06 10.23 4.94
N PHE A 466 -3.75 10.22 5.23
CA PHE A 466 -2.76 10.00 4.19
C PHE A 466 -2.91 8.62 3.55
N ASP A 467 -3.18 7.60 4.37
CA ASP A 467 -3.25 6.24 3.84
C ASP A 467 -4.50 6.02 3.01
N SER A 468 -5.64 6.57 3.44
CA SER A 468 -6.91 6.28 2.78
C SER A 468 -7.07 7.02 1.45
N TYR A 469 -6.52 8.23 1.34
CA TYR A 469 -6.76 9.07 0.17
C TYR A 469 -5.53 9.21 -0.73
N ALA A 470 -4.37 9.51 -0.17
CA ALA A 470 -3.16 9.63 -0.96
C ALA A 470 -2.53 8.26 -1.20
N ALA A 471 -2.09 8.03 -2.44
CA ALA A 471 -1.50 6.76 -2.87
C ALA A 471 -2.45 5.59 -2.66
N SER A 472 -3.74 5.85 -2.57
CA SER A 472 -4.77 4.83 -2.40
C SER A 472 -6.11 5.49 -2.70
N GLY A 473 -7.20 4.79 -2.38
CA GLY A 473 -8.51 5.37 -2.59
C GLY A 473 -8.85 5.45 -4.08
N MET A 474 -9.30 6.62 -4.50
CA MET A 474 -9.77 6.83 -5.87
C MET A 474 -8.67 7.36 -6.79
N CYS A 475 -7.48 7.67 -6.26
CA CYS A 475 -6.45 8.29 -7.09
C CYS A 475 -6.00 7.37 -8.22
N LEU A 476 -5.63 6.14 -7.88
CA LEU A 476 -5.18 5.21 -8.92
C LEU A 476 -6.33 4.67 -9.76
N LEU A 477 -7.57 4.72 -9.26
CA LEU A 477 -8.70 4.34 -10.09
C LEU A 477 -8.83 5.27 -11.29
N PHE A 478 -8.70 6.58 -11.06
CA PHE A 478 -8.81 7.54 -12.16
C PHE A 478 -7.66 7.37 -13.14
N VAL A 479 -6.44 7.14 -12.63
CA VAL A 479 -5.29 6.95 -13.51
C VAL A 479 -5.41 5.62 -14.27
N ALA A 480 -5.93 4.59 -13.61
CA ALA A 480 -6.09 3.30 -14.29
C ALA A 480 -7.10 3.37 -15.42
N ILE A 481 -8.10 4.25 -15.30
CA ILE A 481 -9.08 4.42 -16.38
C ILE A 481 -8.40 4.95 -17.63
N PHE A 482 -7.54 5.97 -17.46
CA PHE A 482 -6.92 6.60 -18.63
C PHE A 482 -5.78 5.77 -19.19
N GLU A 483 -5.00 5.09 -18.34
CA GLU A 483 -3.87 4.33 -18.83
C GLU A 483 -4.31 3.18 -19.74
N CYS A 484 -5.49 2.63 -19.49
CA CYS A 484 -6.04 1.61 -20.38
C CYS A 484 -6.61 2.23 -21.67
N ILE A 485 -7.08 3.47 -21.59
CA ILE A 485 -7.68 4.11 -22.76
C ILE A 485 -6.62 4.43 -23.81
N CYS A 486 -5.44 4.87 -23.38
CA CYS A 486 -4.39 5.25 -24.33
C CYS A 486 -4.02 4.07 -25.24
N ILE A 487 -3.72 2.92 -24.64
CA ILE A 487 -3.35 1.75 -25.44
C ILE A 487 -4.57 1.12 -26.09
N GLY A 488 -5.70 1.10 -25.38
CA GLY A 488 -6.88 0.42 -25.89
C GLY A 488 -7.43 1.02 -27.16
N TRP A 489 -7.56 2.35 -27.20
CA TRP A 489 -8.22 3.02 -28.31
C TRP A 489 -7.29 3.94 -29.09
N VAL A 490 -6.58 4.84 -28.40
CA VAL A 490 -5.84 5.90 -29.09
C VAL A 490 -4.71 5.30 -29.92
N TYR A 491 -3.76 4.63 -29.27
CA TYR A 491 -2.63 4.04 -29.99
C TYR A 491 -3.08 2.84 -30.82
N GLY A 492 -3.65 1.83 -30.16
CA GLY A 492 -4.18 0.68 -30.84
C GLY A 492 -3.73 -0.63 -30.22
N SER A 493 -4.69 -1.45 -29.79
CA SER A 493 -4.35 -2.73 -29.19
C SER A 493 -3.86 -3.73 -30.22
N ASN A 494 -4.53 -3.79 -31.37
CA ASN A 494 -4.13 -4.73 -32.41
C ASN A 494 -2.75 -4.39 -32.95
N ARG A 495 -2.42 -3.10 -33.05
CA ARG A 495 -1.08 -2.72 -33.47
C ARG A 495 -0.08 -2.91 -32.33
N PHE A 496 -0.50 -2.74 -31.08
CA PHE A 496 0.37 -3.04 -29.96
C PHE A 496 0.61 -4.54 -29.83
N TYR A 497 -0.43 -5.33 -30.12
CA TYR A 497 -0.27 -6.79 -30.14
C TYR A 497 0.74 -7.21 -31.19
N ASP A 498 0.80 -6.50 -32.31
CA ASP A 498 1.84 -6.79 -33.31
C ASP A 498 3.22 -6.49 -32.75
N ASN A 499 3.36 -5.40 -32.00
CA ASN A 499 4.65 -5.08 -31.39
C ASN A 499 5.06 -6.15 -30.39
N ILE A 500 4.13 -6.62 -29.56
CA ILE A 500 4.47 -7.67 -28.61
C ILE A 500 4.66 -9.02 -29.28
N GLU A 501 4.07 -9.21 -30.46
CA GLU A 501 4.35 -10.42 -31.23
C GLU A 501 5.74 -10.37 -31.83
N ASP A 502 6.20 -9.17 -32.20
CA ASP A 502 7.58 -9.03 -32.65
C ASP A 502 8.53 -9.28 -31.48
N MET A 503 8.24 -8.70 -30.32
CA MET A 503 9.16 -8.79 -29.18
C MET A 503 9.16 -10.19 -28.57
N ILE A 504 8.02 -10.61 -28.03
CA ILE A 504 7.93 -11.91 -27.37
C ILE A 504 8.04 -13.04 -28.39
N GLY A 505 7.29 -12.95 -29.49
CA GLY A 505 7.27 -13.96 -30.52
C GLY A 505 5.95 -14.68 -30.69
N TYR A 506 5.06 -14.61 -29.70
CA TYR A 506 3.76 -15.26 -29.74
C TYR A 506 2.67 -14.23 -29.48
N ARG A 507 1.52 -14.43 -30.13
CA ARG A 507 0.36 -13.57 -29.93
C ARG A 507 -0.34 -13.93 -28.62
N PRO A 508 -0.61 -12.96 -27.75
CA PRO A 508 -1.30 -13.26 -26.48
C PRO A 508 -2.76 -13.56 -26.72
N PRO A 509 -3.44 -14.17 -25.74
CA PRO A 509 -4.87 -14.50 -25.92
C PRO A 509 -5.72 -13.27 -26.13
N SER A 510 -6.80 -13.45 -26.89
CA SER A 510 -7.64 -12.31 -27.29
C SER A 510 -8.40 -11.73 -26.11
N LEU A 511 -8.73 -12.55 -25.10
CA LEU A 511 -9.52 -12.05 -23.97
C LEU A 511 -8.82 -10.91 -23.25
N ILE A 512 -7.48 -10.91 -23.24
CA ILE A 512 -6.74 -9.88 -22.54
C ILE A 512 -7.08 -8.50 -23.09
N LYS A 513 -7.00 -8.35 -24.42
CA LYS A 513 -7.29 -7.05 -25.03
C LYS A 513 -8.77 -6.72 -24.91
N TRP A 514 -9.64 -7.73 -24.97
CA TRP A 514 -11.07 -7.47 -24.89
C TRP A 514 -11.43 -6.86 -23.55
N CYS A 515 -10.97 -7.47 -22.45
CA CYS A 515 -11.33 -6.87 -21.17
C CYS A 515 -10.50 -5.62 -20.89
N TRP A 516 -9.29 -5.50 -21.45
CA TRP A 516 -8.57 -4.24 -21.50
C TRP A 516 -9.49 -3.11 -21.95
N MET A 517 -10.06 -3.24 -23.15
CA MET A 517 -10.93 -2.20 -23.69
C MET A 517 -12.22 -2.03 -22.89
N ILE A 518 -12.86 -3.13 -22.48
CA ILE A 518 -14.24 -3.09 -21.98
C ILE A 518 -14.29 -2.98 -20.46
N MET A 519 -13.76 -3.97 -19.74
CA MET A 519 -14.07 -4.11 -18.33
C MET A 519 -13.08 -3.40 -17.42
N THR A 520 -11.80 -3.35 -17.81
CA THR A 520 -10.81 -2.72 -16.94
C THR A 520 -11.11 -1.26 -16.65
N PRO A 521 -11.50 -0.40 -17.61
CA PRO A 521 -11.93 0.95 -17.23
C PRO A 521 -13.38 0.96 -16.76
N GLY A 522 -14.17 0.03 -17.27
CA GLY A 522 -15.58 -0.01 -16.89
C GLY A 522 -15.79 -0.34 -15.43
N ILE A 523 -15.05 -1.31 -14.91
CA ILE A 523 -15.17 -1.67 -13.49
C ILE A 523 -14.78 -0.49 -12.61
N CYS A 524 -13.66 0.18 -12.96
CA CYS A 524 -13.21 1.31 -12.17
C CYS A 524 -14.21 2.45 -12.21
N ALA A 525 -14.77 2.74 -13.39
CA ALA A 525 -15.77 3.81 -13.48
C ALA A 525 -17.02 3.47 -12.69
N GLY A 526 -17.46 2.21 -12.75
CA GLY A 526 -18.61 1.80 -11.98
C GLY A 526 -18.39 1.94 -10.49
N ILE A 527 -17.19 1.56 -10.03
CA ILE A 527 -16.89 1.68 -8.60
C ILE A 527 -16.80 3.14 -8.19
N PHE A 528 -16.24 3.99 -9.06
CA PHE A 528 -16.15 5.42 -8.78
C PHE A 528 -17.55 6.03 -8.63
N ILE A 529 -18.44 5.70 -9.57
CA ILE A 529 -19.81 6.22 -9.51
C ILE A 529 -20.54 5.64 -8.30
N PHE A 530 -20.27 4.38 -7.97
CA PHE A 530 -20.87 3.77 -6.77
C PHE A 530 -20.46 4.52 -5.52
N PHE A 531 -19.17 4.86 -5.41
CA PHE A 531 -18.69 5.58 -4.23
C PHE A 531 -19.35 6.96 -4.16
N LEU A 532 -19.39 7.69 -5.28
CA LEU A 532 -19.93 9.04 -5.23
C LEU A 532 -21.44 9.04 -5.00
N ILE A 533 -22.15 8.01 -5.46
CA ILE A 533 -23.59 7.97 -5.26
C ILE A 533 -23.93 7.81 -3.78
N LYS A 534 -23.23 6.92 -3.08
CA LYS A 534 -23.44 6.67 -1.65
C LYS A 534 -22.12 6.94 -0.95
N TYR A 535 -21.90 8.20 -0.57
CA TYR A 535 -20.65 8.58 0.09
C TYR A 535 -20.65 8.08 1.53
N LYS A 536 -19.58 7.38 1.91
CA LYS A 536 -19.39 6.93 3.29
C LYS A 536 -18.24 7.69 3.91
N PRO A 537 -18.48 8.65 4.80
CA PRO A 537 -17.38 9.38 5.43
C PRO A 537 -16.49 8.44 6.23
N LEU A 538 -15.18 8.65 6.14
CA LEU A 538 -14.24 7.77 6.81
C LEU A 538 -14.24 8.00 8.30
N LYS A 539 -14.40 6.93 9.07
CA LYS A 539 -14.41 6.98 10.52
C LYS A 539 -13.23 6.19 11.07
N TYR A 540 -12.55 6.75 12.06
CA TYR A 540 -11.36 6.12 12.63
C TYR A 540 -11.77 5.03 13.62
N ASN A 541 -11.39 3.79 13.32
CA ASN A 541 -11.65 2.63 14.18
C ASN A 541 -13.14 2.46 14.48
N ASN A 542 -14.00 2.99 13.60
CA ASN A 542 -15.45 2.98 13.81
C ASN A 542 -15.79 3.61 15.15
N ILE A 543 -15.01 4.64 15.51
CA ILE A 543 -15.23 5.35 16.76
C ILE A 543 -15.32 6.85 16.48
N TYR A 544 -14.29 7.40 15.85
CA TYR A 544 -14.14 8.84 15.68
C TYR A 544 -14.45 9.23 14.24
N THR A 545 -15.28 10.25 14.08
CA THR A 545 -15.61 10.81 12.78
C THR A 545 -14.86 12.12 12.60
N TYR A 546 -14.13 12.24 11.49
CA TYR A 546 -13.34 13.43 11.24
C TYR A 546 -14.24 14.65 11.05
N PRO A 547 -13.74 15.83 11.36
CA PRO A 547 -14.47 17.06 10.99
C PRO A 547 -14.53 17.21 9.48
N ALA A 548 -15.30 18.23 9.06
CA ALA A 548 -15.46 18.47 7.63
C ALA A 548 -14.13 18.79 6.96
N TRP A 549 -13.28 19.59 7.63
CA TRP A 549 -12.01 19.97 7.04
C TRP A 549 -11.06 18.80 6.90
N GLY A 550 -11.23 17.72 7.68
CA GLY A 550 -10.41 16.54 7.47
C GLY A 550 -10.70 15.87 6.14
N TYR A 551 -11.99 15.65 5.84
CA TYR A 551 -12.35 15.16 4.52
C TYR A 551 -11.99 16.16 3.45
N GLY A 552 -12.02 17.45 3.77
CA GLY A 552 -11.54 18.46 2.82
C GLY A 552 -10.08 18.28 2.47
N ILE A 553 -9.25 18.03 3.48
CA ILE A 553 -7.81 17.81 3.23
C ILE A 553 -7.60 16.53 2.43
N GLY A 554 -8.31 15.46 2.78
CA GLY A 554 -8.19 14.23 2.02
C GLY A 554 -8.60 14.41 0.57
N TRP A 555 -9.73 15.06 0.34
CA TRP A 555 -10.19 15.31 -1.02
C TRP A 555 -9.25 16.26 -1.76
N LEU A 556 -8.61 17.18 -1.04
CA LEU A 556 -7.62 18.06 -1.67
C LEU A 556 -6.40 17.28 -2.12
N MET A 557 -5.95 16.33 -1.31
CA MET A 557 -4.86 15.45 -1.75
C MET A 557 -5.27 14.65 -2.98
N ALA A 558 -6.50 14.12 -2.97
CA ALA A 558 -6.98 13.36 -4.13
C ALA A 558 -7.05 14.23 -5.37
N LEU A 559 -7.54 15.47 -5.23
CA LEU A 559 -7.63 16.37 -6.37
C LEU A 559 -6.25 16.75 -6.89
N SER A 560 -5.31 17.05 -5.99
CA SER A 560 -3.95 17.35 -6.41
C SER A 560 -3.32 16.17 -7.13
N SER A 561 -3.72 14.94 -6.77
CA SER A 561 -3.23 13.77 -7.48
C SER A 561 -3.88 13.62 -8.86
N MET A 562 -5.19 13.87 -8.95
CA MET A 562 -5.94 13.48 -10.15
C MET A 562 -6.06 14.56 -11.21
N LEU A 563 -6.08 15.83 -10.82
CA LEU A 563 -6.38 16.93 -11.74
C LEU A 563 -5.23 17.25 -12.69
N CYS A 564 -4.13 16.50 -12.66
CA CYS A 564 -3.01 16.82 -13.55
C CYS A 564 -3.39 16.62 -15.01
N ILE A 565 -4.11 15.55 -15.32
CA ILE A 565 -4.41 15.23 -16.72
C ILE A 565 -5.26 16.30 -17.40
N PRO A 566 -6.39 16.76 -16.83
CA PRO A 566 -7.16 17.80 -17.52
C PRO A 566 -6.38 19.07 -17.76
N LEU A 567 -5.55 19.50 -16.80
CA LEU A 567 -4.73 20.69 -17.00
C LEU A 567 -3.75 20.48 -18.14
N TRP A 568 -3.13 19.31 -18.21
CA TRP A 568 -2.17 19.04 -19.28
C TRP A 568 -2.84 19.01 -20.64
N ILE A 569 -4.03 18.42 -20.74
CA ILE A 569 -4.71 18.42 -22.03
C ILE A 569 -5.15 19.83 -22.41
N CYS A 570 -5.56 20.64 -21.42
CA CYS A 570 -5.89 22.03 -21.73
C CYS A 570 -4.67 22.76 -22.28
N ILE A 571 -3.50 22.58 -21.65
CA ILE A 571 -2.29 23.23 -22.13
C ILE A 571 -1.91 22.74 -23.52
N THR A 572 -1.98 21.43 -23.74
CA THR A 572 -1.58 20.87 -25.03
C THR A 572 -2.48 21.32 -26.15
N VAL A 573 -3.80 21.37 -25.92
CA VAL A 573 -4.71 21.89 -26.92
C VAL A 573 -4.46 23.38 -27.14
N TRP A 574 -4.12 24.10 -26.08
CA TRP A 574 -3.79 25.51 -26.21
C TRP A 574 -2.60 25.71 -27.13
N LYS A 575 -1.57 24.87 -26.99
CA LYS A 575 -0.38 24.94 -27.86
C LYS A 575 -0.71 24.31 -29.22
N THR A 576 -1.56 25.00 -29.96
CA THR A 576 -2.05 24.52 -31.24
C THR A 576 -1.35 25.24 -32.39
N GLU A 577 -1.37 24.58 -33.56
CA GLU A 577 -0.75 25.15 -34.75
C GLU A 577 -1.60 26.27 -35.35
N GLY A 578 -2.91 26.22 -35.16
CA GLY A 578 -3.81 27.20 -35.73
C GLY A 578 -5.13 26.64 -36.21
N THR A 579 -5.17 25.34 -36.51
CA THR A 579 -6.41 24.67 -36.88
C THR A 579 -7.01 24.09 -35.61
N LEU A 580 -7.86 24.90 -34.95
CA LEU A 580 -8.45 24.47 -33.68
C LEU A 580 -9.31 23.21 -33.81
N PRO A 581 -10.20 23.07 -34.80
CA PRO A 581 -10.93 21.80 -34.91
C PRO A 581 -10.07 20.65 -35.38
N GLU A 582 -9.21 20.88 -36.37
CA GLU A 582 -8.36 19.83 -36.93
C GLU A 582 -6.96 19.92 -36.33
N LYS A 583 -6.85 19.49 -35.08
CA LYS A 583 -5.57 19.42 -34.40
C LYS A 583 -5.33 18.11 -33.66
N LEU A 584 -6.37 17.31 -33.40
CA LEU A 584 -6.18 16.05 -32.71
C LEU A 584 -5.37 15.05 -33.53
N GLN A 585 -5.27 15.25 -34.85
CA GLN A 585 -4.57 14.30 -35.70
C GLN A 585 -3.09 14.23 -35.37
N LYS A 586 -2.41 15.37 -35.33
CA LYS A 586 -0.97 15.37 -35.07
C LYS A 586 -0.67 14.92 -33.64
N LEU A 587 -1.52 15.31 -32.68
CA LEU A 587 -1.30 14.88 -31.31
C LEU A 587 -1.46 13.38 -31.16
N THR A 588 -2.52 12.81 -31.73
CA THR A 588 -2.78 11.38 -31.57
C THR A 588 -1.74 10.51 -32.28
N THR A 589 -1.00 11.07 -33.23
CA THR A 589 0.02 10.29 -33.93
C THR A 589 1.18 9.99 -33.01
N PRO A 590 1.56 8.72 -32.83
CA PRO A 590 2.71 8.41 -31.96
C PRO A 590 4.02 8.86 -32.60
N SER A 591 5.08 8.72 -31.81
CA SER A 591 6.41 9.12 -32.28
C SER A 591 6.87 8.22 -33.42
N THR A 592 7.50 8.83 -34.42
CA THR A 592 7.97 8.12 -35.60
C THR A 592 9.44 7.71 -35.46
N ASP A 593 10.07 8.01 -34.33
CA ASP A 593 11.49 7.69 -34.15
C ASP A 593 11.76 6.19 -34.21
N LEU A 594 10.75 5.35 -34.00
CA LEU A 594 10.94 3.90 -34.07
C LEU A 594 11.31 3.46 -35.48
#